data_1BJ6
#
_entry.id   1BJ6
#
_cell.length_a   1.000
_cell.length_b   1.000
_cell.length_c   1.000
_cell.angle_alpha   90.00
_cell.angle_beta   90.00
_cell.angle_gamma   90.00
#
_symmetry.space_group_name_H-M   'P 1'
#
loop_
_entity.id
_entity.type
_entity.pdbx_description
1 polymer "DNA (5'-D(*AP*CP*GP*CP*C)-3')"
2 polymer 'NUCLEOCAPSID PROTEIN 7'
3 non-polymer 'ZINC ION'
#
loop_
_entity_poly.entity_id
_entity_poly.type
_entity_poly.pdbx_seq_one_letter_code
_entity_poly.pdbx_strand_id
1 'polydeoxyribonucleotide' (DA)(DC)(DG)(DC)(DC) D
2 'polypeptide(L)' NVKCFNCGKEGHTARNCRAPRKKGCWKCGKEGHQMKDCTERQ A
#
loop_
_chem_comp.id
_chem_comp.type
_chem_comp.name
_chem_comp.formula
DA DNA linking 2'-DEOXYADENOSINE-5'-MONOPHOSPHATE 'C10 H14 N5 O6 P'
DC DNA linking 2'-DEOXYCYTIDINE-5'-MONOPHOSPHATE 'C9 H14 N3 O7 P'
DG DNA linking 2'-DEOXYGUANOSINE-5'-MONOPHOSPHATE 'C10 H14 N5 O7 P'
ZN non-polymer 'ZINC ION' 'Zn 2'
#
# COMPACT_ATOMS: atom_id res chain seq x y z
N ASN B 1 -6.63 11.03 -10.09
CA ASN B 1 -5.65 11.24 -9.01
C ASN B 1 -5.58 10.05 -8.08
N VAL B 2 -4.44 9.87 -7.41
CA VAL B 2 -4.17 8.77 -6.48
C VAL B 2 -3.26 9.26 -5.37
N LYS B 3 -3.12 8.41 -4.37
CA LYS B 3 -2.18 8.57 -3.27
C LYS B 3 -1.48 7.22 -3.18
N CYS B 4 -0.17 7.27 -2.96
CA CYS B 4 0.68 6.11 -2.89
C CYS B 4 0.27 5.21 -1.73
N PHE B 5 0.52 3.90 -1.87
CA PHE B 5 0.25 2.92 -0.83
C PHE B 5 1.58 2.40 -0.27
N ASN B 6 2.53 3.33 -0.12
CA ASN B 6 3.87 3.10 0.38
C ASN B 6 4.27 4.30 1.22
N CYS B 7 4.79 5.36 0.57
CA CYS B 7 5.12 6.62 1.22
C CYS B 7 3.85 7.45 1.47
N GLY B 8 2.86 7.36 0.56
CA GLY B 8 1.59 8.05 0.74
C GLY B 8 1.54 9.47 0.18
N LYS B 9 2.41 9.81 -0.79
CA LYS B 9 2.37 11.08 -1.48
C LYS B 9 1.19 11.02 -2.44
N GLU B 10 0.95 12.12 -3.16
CA GLU B 10 -0.07 12.19 -4.17
C GLU B 10 0.56 12.27 -5.56
N GLY B 11 -0.19 11.79 -6.56
CA GLY B 11 0.22 11.80 -7.96
C GLY B 11 1.02 10.57 -8.36
N HIS B 12 1.11 9.51 -7.53
CA HIS B 12 1.75 8.27 -7.90
C HIS B 12 1.24 7.13 -7.03
N THR B 13 1.30 5.89 -7.54
CA THR B 13 0.93 4.68 -6.85
C THR B 13 2.20 4.04 -6.28
N ALA B 14 2.05 3.09 -5.36
CA ALA B 14 3.17 2.41 -4.74
C ALA B 14 4.19 1.84 -5.75
N ARG B 15 3.76 1.35 -6.92
CA ARG B 15 4.67 0.91 -7.97
C ARG B 15 5.58 2.02 -8.47
N ASN B 16 5.02 3.21 -8.64
CA ASN B 16 5.65 4.38 -9.20
C ASN B 16 6.44 5.14 -8.14
N CYS B 17 6.27 4.79 -6.85
CA CYS B 17 6.98 5.41 -5.77
C CYS B 17 8.48 5.12 -5.81
N ARG B 18 9.27 6.12 -5.41
CA ARG B 18 10.73 6.02 -5.28
C ARG B 18 11.09 4.98 -4.23
N ALA B 19 10.54 5.20 -3.03
CA ALA B 19 10.81 4.43 -1.82
C ALA B 19 10.54 2.93 -2.00
N PRO B 20 11.19 2.08 -1.20
CA PRO B 20 10.94 0.66 -1.19
C PRO B 20 9.62 0.43 -0.47
N ARG B 21 9.06 -0.77 -0.58
CA ARG B 21 7.73 -1.07 -0.06
C ARG B 21 7.74 -1.53 1.40
N LYS B 22 6.53 -1.56 1.95
CA LYS B 22 6.17 -1.99 3.29
C LYS B 22 5.88 -3.49 3.25
N LYS B 23 5.91 -4.13 4.42
CA LYS B 23 5.58 -5.53 4.59
C LYS B 23 4.08 -5.69 4.88
N GLY B 24 3.63 -6.95 4.92
CA GLY B 24 2.24 -7.33 5.09
C GLY B 24 1.33 -6.54 4.13
N CYS B 25 0.13 -6.20 4.60
CA CYS B 25 -0.83 -5.35 3.89
C CYS B 25 -0.35 -3.89 3.94
N TRP B 26 -0.99 -3.02 3.17
CA TRP B 26 -0.75 -1.57 3.14
C TRP B 26 -1.97 -0.80 3.66
N LYS B 27 -3.18 -1.24 3.30
CA LYS B 27 -4.43 -0.62 3.71
C LYS B 27 -4.53 -0.55 5.24
N CYS B 28 -4.63 -1.73 5.87
CA CYS B 28 -4.71 -1.87 7.31
C CYS B 28 -3.33 -2.11 7.90
N GLY B 29 -2.47 -2.87 7.19
CA GLY B 29 -1.09 -3.09 7.58
C GLY B 29 -0.80 -4.48 8.15
N LYS B 30 -1.76 -5.41 8.14
CA LYS B 30 -1.60 -6.70 8.76
C LYS B 30 -0.98 -7.70 7.78
N GLU B 31 -0.18 -8.62 8.33
CA GLU B 31 0.58 -9.61 7.60
C GLU B 31 -0.30 -10.82 7.27
N GLY B 32 0.28 -11.76 6.52
CA GLY B 32 -0.43 -12.92 6.01
C GLY B 32 -1.08 -12.56 4.68
N HIS B 33 -1.86 -11.46 4.67
CA HIS B 33 -2.53 -10.94 3.48
C HIS B 33 -1.87 -9.67 2.94
N GLN B 34 -2.22 -9.35 1.69
CA GLN B 34 -1.80 -8.18 0.93
C GLN B 34 -3.04 -7.27 0.76
N MET B 35 -2.88 -5.98 0.42
CA MET B 35 -4.02 -5.06 0.37
C MET B 35 -5.11 -5.43 -0.65
N LYS B 36 -4.86 -6.38 -1.55
CA LYS B 36 -5.84 -6.85 -2.51
C LYS B 36 -6.69 -7.93 -1.85
N ASP B 37 -6.04 -8.77 -1.04
CA ASP B 37 -6.65 -9.79 -0.21
C ASP B 37 -7.36 -9.19 1.02
N CYS B 38 -6.89 -8.02 1.49
CA CYS B 38 -7.37 -7.36 2.69
C CYS B 38 -8.87 -7.17 2.62
N THR B 39 -9.54 -7.48 3.74
CA THR B 39 -10.98 -7.47 3.84
C THR B 39 -11.41 -7.40 5.32
N GLU B 40 -10.58 -6.80 6.17
CA GLU B 40 -10.79 -6.71 7.60
C GLU B 40 -12.09 -5.96 7.86
N ARG B 41 -12.17 -4.73 7.33
CA ARG B 41 -13.34 -3.87 7.34
C ARG B 41 -13.92 -3.70 8.76
N GLN B 42 -13.17 -2.99 9.62
CA GLN B 42 -13.55 -2.68 11.00
C GLN B 42 -13.71 -3.96 11.81
ZN ZN C . 5.20 6.89 -2.70
ZN ZN D . -5.22 -5.45 5.39
N ASN B 1 -5.29 11.52 -9.95
CA ASN B 1 -5.43 10.08 -10.23
C ASN B 1 -5.11 9.22 -9.01
N VAL B 2 -3.90 9.38 -8.46
CA VAL B 2 -3.41 8.55 -7.36
C VAL B 2 -2.63 9.35 -6.32
N LYS B 3 -2.45 8.67 -5.19
CA LYS B 3 -1.64 9.08 -4.05
C LYS B 3 -0.99 7.81 -3.52
N CYS B 4 0.29 7.65 -3.85
CA CYS B 4 1.16 6.51 -3.59
C CYS B 4 0.86 5.80 -2.26
N PHE B 5 0.45 4.52 -2.26
CA PHE B 5 0.19 3.80 -1.00
C PHE B 5 1.42 3.76 -0.08
N ASN B 6 2.63 3.99 -0.61
CA ASN B 6 3.87 4.02 0.14
C ASN B 6 4.07 5.38 0.83
N CYS B 7 4.70 6.33 0.15
CA CYS B 7 5.04 7.64 0.68
C CYS B 7 3.82 8.56 0.74
N GLY B 8 2.82 8.35 -0.13
CA GLY B 8 1.58 9.13 -0.05
C GLY B 8 1.53 10.36 -0.94
N LYS B 9 2.57 10.66 -1.73
CA LYS B 9 2.55 11.75 -2.67
C LYS B 9 1.64 11.44 -3.84
N GLU B 10 1.22 12.52 -4.48
CA GLU B 10 0.25 12.47 -5.57
C GLU B 10 0.94 12.31 -6.92
N GLY B 11 0.19 11.72 -7.86
CA GLY B 11 0.61 11.57 -9.25
C GLY B 11 1.57 10.39 -9.49
N HIS B 12 1.73 9.47 -8.53
CA HIS B 12 2.54 8.28 -8.76
C HIS B 12 2.11 7.12 -7.86
N THR B 13 2.36 5.89 -8.31
CA THR B 13 2.07 4.66 -7.57
C THR B 13 3.35 4.13 -6.93
N ALA B 14 3.21 3.22 -5.97
CA ALA B 14 4.29 2.67 -5.18
C ALA B 14 5.47 2.09 -5.98
N ARG B 15 5.21 1.46 -7.13
CA ARG B 15 6.29 0.98 -8.00
C ARG B 15 7.14 2.12 -8.57
N ASN B 16 6.50 3.28 -8.81
CA ASN B 16 7.12 4.46 -9.40
C ASN B 16 7.94 5.20 -8.34
N CYS B 17 7.39 5.23 -7.12
CA CYS B 17 7.90 5.95 -5.97
C CYS B 17 9.38 5.69 -5.67
N ARG B 18 10.03 6.75 -5.16
CA ARG B 18 11.43 6.80 -4.76
C ARG B 18 11.71 5.84 -3.60
N ALA B 19 10.95 6.01 -2.52
CA ALA B 19 11.13 5.28 -1.27
C ALA B 19 10.87 3.79 -1.45
N PRO B 20 11.52 2.93 -0.65
CA PRO B 20 11.27 1.50 -0.66
C PRO B 20 9.91 1.22 -0.03
N ARG B 21 9.34 0.07 -0.35
CA ARG B 21 8.00 -0.29 0.07
C ARG B 21 7.95 -0.99 1.43
N LYS B 22 6.72 -1.13 1.91
CA LYS B 22 6.33 -1.65 3.21
C LYS B 22 6.15 -3.17 3.13
N LYS B 23 5.80 -3.78 4.26
CA LYS B 23 5.46 -5.19 4.39
C LYS B 23 3.94 -5.37 4.44
N GLY B 24 3.52 -6.63 4.54
CA GLY B 24 2.14 -7.10 4.59
C GLY B 24 1.21 -6.30 3.68
N CYS B 25 0.02 -5.94 4.18
CA CYS B 25 -0.95 -5.08 3.51
C CYS B 25 -0.52 -3.61 3.58
N TRP B 26 -1.20 -2.71 2.86
CA TRP B 26 -0.98 -1.26 2.90
C TRP B 26 -2.13 -0.57 3.63
N LYS B 27 -3.38 -1.00 3.43
CA LYS B 27 -4.53 -0.48 4.13
C LYS B 27 -4.33 -0.57 5.64
N CYS B 28 -4.27 -1.81 6.14
CA CYS B 28 -4.20 -2.13 7.54
C CYS B 28 -2.78 -2.52 7.98
N GLY B 29 -2.02 -3.25 7.15
CA GLY B 29 -0.64 -3.60 7.46
C GLY B 29 -0.44 -5.06 7.83
N LYS B 30 -1.49 -5.89 7.76
CA LYS B 30 -1.48 -7.28 8.12
C LYS B 30 -1.13 -8.07 6.87
N GLU B 31 -0.17 -8.98 7.02
CA GLU B 31 0.38 -9.76 5.94
C GLU B 31 -0.50 -10.96 5.59
N GLY B 32 -0.02 -11.75 4.63
CA GLY B 32 -0.76 -12.88 4.07
C GLY B 32 -1.59 -12.40 2.89
N HIS B 33 -2.42 -11.37 3.11
CA HIS B 33 -3.21 -10.72 2.07
C HIS B 33 -2.45 -9.48 1.57
N GLN B 34 -3.17 -8.55 0.94
CA GLN B 34 -2.66 -7.36 0.29
C GLN B 34 -3.82 -6.36 0.24
N MET B 35 -3.56 -5.05 0.07
CA MET B 35 -4.61 -4.04 0.14
C MET B 35 -5.82 -4.25 -0.77
N LYS B 36 -5.69 -5.09 -1.81
CA LYS B 36 -6.80 -5.42 -2.72
C LYS B 36 -7.69 -6.45 -2.01
N ASP B 37 -7.04 -7.43 -1.39
CA ASP B 37 -7.65 -8.58 -0.72
C ASP B 37 -8.14 -8.24 0.70
N CYS B 38 -7.55 -7.23 1.35
CA CYS B 38 -7.79 -6.84 2.73
C CYS B 38 -9.28 -6.65 3.04
N THR B 39 -9.65 -7.09 4.25
CA THR B 39 -11.01 -7.15 4.76
C THR B 39 -10.96 -7.53 6.26
N GLU B 40 -9.99 -6.96 6.97
CA GLU B 40 -9.60 -7.18 8.34
C GLU B 40 -10.61 -7.96 9.19
N ARG B 41 -11.62 -7.23 9.68
CA ARG B 41 -12.65 -7.68 10.61
C ARG B 41 -12.06 -8.30 11.88
N GLN B 42 -11.01 -7.64 12.39
CA GLN B 42 -10.29 -7.91 13.63
C GLN B 42 -9.14 -6.89 13.76
ZN ZN C . 5.62 7.51 -3.27
ZN ZN D . -5.17 -5.38 5.20
N ASN B 1 -3.54 11.99 -11.03
CA ASN B 1 -4.60 11.00 -10.70
C ASN B 1 -4.24 10.23 -9.44
N VAL B 2 -3.08 9.57 -9.43
CA VAL B 2 -2.56 8.89 -8.25
C VAL B 2 -2.07 9.90 -7.22
N LYS B 3 -1.61 9.35 -6.11
CA LYS B 3 -0.96 9.99 -4.98
C LYS B 3 -0.26 8.88 -4.20
N CYS B 4 0.77 8.32 -4.84
CA CYS B 4 1.59 7.17 -4.48
C CYS B 4 1.22 6.56 -3.13
N PHE B 5 0.68 5.33 -3.12
CA PHE B 5 0.20 4.70 -1.91
C PHE B 5 1.37 4.05 -1.15
N ASN B 6 2.36 4.88 -0.83
CA ASN B 6 3.59 4.56 -0.12
C ASN B 6 4.11 5.84 0.54
N CYS B 7 4.50 6.82 -0.31
CA CYS B 7 5.01 8.13 0.08
C CYS B 7 3.94 9.23 -0.09
N GLY B 8 3.08 9.13 -1.13
CA GLY B 8 1.95 10.05 -1.31
C GLY B 8 2.01 10.98 -2.53
N LYS B 9 3.13 11.04 -3.26
CA LYS B 9 3.30 11.95 -4.39
C LYS B 9 2.34 11.64 -5.53
N GLU B 10 1.73 12.73 -6.03
CA GLU B 10 0.68 12.83 -7.02
C GLU B 10 1.03 12.52 -8.47
N GLY B 11 2.30 12.28 -8.74
CA GLY B 11 2.84 12.08 -10.09
C GLY B 11 3.55 10.75 -10.27
N HIS B 12 3.28 9.75 -9.40
CA HIS B 12 3.82 8.42 -9.56
C HIS B 12 3.11 7.46 -8.62
N THR B 13 3.16 6.17 -8.95
CA THR B 13 2.49 5.10 -8.25
C THR B 13 3.49 4.41 -7.33
N ALA B 14 2.98 3.70 -6.31
CA ALA B 14 3.82 3.04 -5.32
C ALA B 14 4.84 2.07 -5.94
N ARG B 15 4.51 1.46 -7.09
CA ARG B 15 5.46 0.62 -7.82
C ARG B 15 6.68 1.41 -8.29
N ASN B 16 6.45 2.64 -8.75
CA ASN B 16 7.43 3.53 -9.34
C ASN B 16 8.31 4.20 -8.29
N CYS B 17 7.70 4.49 -7.14
CA CYS B 17 8.30 5.23 -6.03
C CYS B 17 9.68 4.71 -5.62
N ARG B 18 10.53 5.65 -5.20
CA ARG B 18 11.87 5.43 -4.65
C ARG B 18 11.78 4.55 -3.42
N ALA B 19 10.93 5.00 -2.49
CA ALA B 19 10.70 4.41 -1.19
C ALA B 19 10.37 2.92 -1.32
N PRO B 20 10.80 2.10 -0.35
CA PRO B 20 10.44 0.70 -0.32
C PRO B 20 9.00 0.59 0.16
N ARG B 21 8.40 -0.57 -0.10
CA ARG B 21 7.00 -0.81 0.18
C ARG B 21 6.87 -1.35 1.60
N LYS B 22 5.64 -1.41 2.11
CA LYS B 22 5.34 -1.79 3.47
C LYS B 22 5.08 -3.29 3.59
N LYS B 23 4.77 -3.76 4.81
CA LYS B 23 4.39 -5.14 5.09
C LYS B 23 2.88 -5.33 4.96
N GLY B 24 2.48 -6.60 4.97
CA GLY B 24 1.11 -7.09 4.82
C GLY B 24 0.23 -6.23 3.89
N CYS B 25 -0.91 -5.80 4.43
CA CYS B 25 -1.90 -4.89 3.85
C CYS B 25 -1.51 -3.43 4.11
N TRP B 26 -2.07 -2.50 3.33
CA TRP B 26 -1.88 -1.06 3.48
C TRP B 26 -3.07 -0.46 4.25
N LYS B 27 -4.29 -0.98 4.04
CA LYS B 27 -5.48 -0.53 4.75
C LYS B 27 -5.34 -0.67 6.27
N CYS B 28 -5.24 -1.93 6.73
CA CYS B 28 -5.21 -2.30 8.13
C CYS B 28 -3.80 -2.58 8.62
N GLY B 29 -3.00 -3.33 7.82
CA GLY B 29 -1.62 -3.66 8.13
C GLY B 29 -1.33 -5.15 8.27
N LYS B 30 -2.30 -6.05 8.03
CA LYS B 30 -2.15 -7.45 8.25
C LYS B 30 -1.74 -8.16 6.96
N GLU B 31 -0.95 -9.22 7.10
CA GLU B 31 -0.46 -10.02 5.99
C GLU B 31 -1.39 -11.19 5.66
N GLY B 32 -1.06 -11.89 4.58
CA GLY B 32 -1.88 -12.96 4.03
C GLY B 32 -2.99 -12.36 3.15
N HIS B 33 -2.92 -11.05 2.87
CA HIS B 33 -3.81 -10.33 1.97
C HIS B 33 -3.15 -9.03 1.51
N GLN B 34 -3.95 -8.08 1.01
CA GLN B 34 -3.55 -6.82 0.41
C GLN B 34 -4.74 -5.86 0.47
N MET B 35 -4.55 -4.56 0.22
CA MET B 35 -5.58 -3.53 0.35
C MET B 35 -6.89 -3.82 -0.41
N LYS B 36 -6.86 -4.68 -1.44
CA LYS B 36 -8.05 -5.05 -2.20
C LYS B 36 -8.72 -6.25 -1.52
N ASP B 37 -7.91 -7.23 -1.15
CA ASP B 37 -8.32 -8.51 -0.57
C ASP B 37 -8.77 -8.39 0.88
N CYS B 38 -8.28 -7.37 1.59
CA CYS B 38 -8.48 -7.13 3.02
C CYS B 38 -9.93 -7.25 3.51
N THR B 39 -10.03 -7.81 4.72
CA THR B 39 -11.22 -8.19 5.47
C THR B 39 -10.76 -8.79 6.82
N GLU B 40 -9.68 -8.21 7.38
CA GLU B 40 -8.94 -8.59 8.56
C GLU B 40 -9.66 -9.55 9.52
N ARG B 41 -10.58 -8.99 10.32
CA ARG B 41 -11.36 -9.60 11.40
C ARG B 41 -10.66 -10.77 12.12
N GLN B 42 -9.36 -10.59 12.35
CA GLN B 42 -8.42 -11.53 12.91
C GLN B 42 -7.04 -10.87 12.86
ZN ZN C . 6.12 7.58 -3.79
ZN ZN D . -6.02 -5.48 5.57
N ASN B 1 -2.78 13.84 -9.14
CA ASN B 1 -4.09 13.17 -8.97
C ASN B 1 -4.06 12.15 -7.83
N VAL B 2 -3.27 11.08 -7.96
CA VAL B 2 -3.12 10.06 -6.92
C VAL B 2 -2.14 10.53 -5.86
N LYS B 3 -2.14 9.79 -4.75
CA LYS B 3 -1.20 9.93 -3.64
C LYS B 3 -0.67 8.51 -3.39
N CYS B 4 0.65 8.37 -3.37
CA CYS B 4 1.35 7.10 -3.27
C CYS B 4 1.21 6.51 -1.86
N PHE B 5 0.76 5.24 -1.76
CA PHE B 5 0.57 4.57 -0.48
C PHE B 5 1.91 4.30 0.23
N ASN B 6 3.01 4.24 -0.53
CA ASN B 6 4.35 4.06 0.00
C ASN B 6 4.87 5.36 0.64
N CYS B 7 5.31 6.32 -0.17
CA CYS B 7 5.93 7.55 0.28
C CYS B 7 4.91 8.67 0.56
N GLY B 8 3.94 8.90 -0.34
CA GLY B 8 2.89 9.88 -0.16
C GLY B 8 3.18 11.26 -0.75
N LYS B 9 3.60 11.30 -2.01
CA LYS B 9 3.82 12.43 -2.85
C LYS B 9 2.44 12.57 -3.53
N GLU B 10 2.25 13.51 -4.46
CA GLU B 10 1.01 13.60 -5.27
C GLU B 10 1.37 13.67 -6.75
N GLY B 11 0.97 12.61 -7.48
CA GLY B 11 1.26 12.32 -8.88
C GLY B 11 2.04 11.02 -9.25
N HIS B 12 1.97 9.91 -8.47
CA HIS B 12 2.55 8.59 -8.79
C HIS B 12 2.00 7.55 -7.82
N THR B 13 2.10 6.26 -8.16
CA THR B 13 1.63 5.15 -7.34
C THR B 13 2.80 4.30 -6.85
N ALA B 14 2.55 3.43 -5.88
CA ALA B 14 3.56 2.57 -5.27
C ALA B 14 4.38 1.78 -6.30
N ARG B 15 3.76 1.26 -7.37
CA ARG B 15 4.47 0.59 -8.45
C ARG B 15 5.54 1.48 -9.07
N ASN B 16 5.22 2.76 -9.25
CA ASN B 16 6.05 3.77 -9.85
C ASN B 16 7.02 4.38 -8.82
N CYS B 17 6.75 4.22 -7.52
CA CYS B 17 7.54 4.83 -6.47
C CYS B 17 8.93 4.22 -6.40
N ARG B 18 9.95 5.09 -6.28
CA ARG B 18 11.35 4.72 -6.18
C ARG B 18 11.65 4.02 -4.85
N ALA B 19 11.12 4.57 -3.76
CA ALA B 19 11.34 4.11 -2.39
C ALA B 19 10.92 2.65 -2.20
N PRO B 20 11.49 1.96 -1.20
CA PRO B 20 11.09 0.61 -0.86
C PRO B 20 9.71 0.67 -0.22
N ARG B 21 8.97 -0.43 -0.38
CA ARG B 21 7.57 -0.53 0.06
C ARG B 21 7.51 -1.03 1.50
N LYS B 22 6.28 -1.14 2.01
CA LYS B 22 5.98 -1.54 3.39
C LYS B 22 5.84 -3.07 3.45
N LYS B 23 5.64 -3.59 4.66
CA LYS B 23 5.37 -5.00 4.90
C LYS B 23 3.87 -5.23 4.96
N GLY B 24 3.49 -6.51 5.10
CA GLY B 24 2.14 -7.04 5.13
C GLY B 24 1.17 -6.27 4.23
N CYS B 25 -0.02 -5.96 4.75
CA CYS B 25 -1.06 -5.15 4.12
C CYS B 25 -0.79 -3.65 4.36
N TRP B 26 -1.43 -2.79 3.54
CA TRP B 26 -1.41 -1.34 3.65
C TRP B 26 -2.65 -0.85 4.41
N LYS B 27 -3.82 -1.43 4.08
CA LYS B 27 -5.08 -1.12 4.75
C LYS B 27 -4.99 -1.34 6.26
N CYS B 28 -5.03 -2.62 6.67
CA CYS B 28 -5.07 -3.02 8.05
C CYS B 28 -3.67 -3.22 8.63
N GLY B 29 -2.75 -3.80 7.87
CA GLY B 29 -1.36 -3.97 8.28
C GLY B 29 -0.94 -5.44 8.41
N LYS B 30 -1.87 -6.39 8.24
CA LYS B 30 -1.60 -7.79 8.46
C LYS B 30 -0.95 -8.39 7.23
N GLU B 31 -0.06 -9.35 7.45
CA GLU B 31 0.72 -9.94 6.39
C GLU B 31 0.09 -11.23 5.87
N GLY B 32 0.67 -11.75 4.78
CA GLY B 32 0.17 -12.90 4.05
C GLY B 32 -0.59 -12.41 2.83
N HIS B 33 -1.52 -11.46 3.03
CA HIS B 33 -2.31 -10.82 1.98
C HIS B 33 -1.72 -9.47 1.58
N GLN B 34 -2.54 -8.63 0.92
CA GLN B 34 -2.25 -7.28 0.47
C GLN B 34 -3.60 -6.55 0.37
N MET B 35 -3.63 -5.23 0.16
CA MET B 35 -4.88 -4.46 0.20
C MET B 35 -6.02 -4.90 -0.73
N LYS B 36 -5.73 -5.63 -1.81
CA LYS B 36 -6.78 -6.12 -2.72
C LYS B 36 -7.41 -7.34 -2.07
N ASP B 37 -6.56 -8.22 -1.56
CA ASP B 37 -6.90 -9.48 -0.90
C ASP B 37 -7.49 -9.27 0.48
N CYS B 38 -7.14 -8.15 1.14
CA CYS B 38 -7.50 -7.82 2.51
C CYS B 38 -9.00 -7.95 2.76
N THR B 39 -9.32 -8.56 3.89
CA THR B 39 -10.69 -8.87 4.31
C THR B 39 -10.72 -9.23 5.81
N GLU B 40 -9.80 -8.65 6.60
CA GLU B 40 -9.65 -8.94 8.01
C GLU B 40 -10.88 -8.47 8.78
N ARG B 41 -11.19 -7.16 8.69
CA ARG B 41 -12.37 -6.48 9.23
C ARG B 41 -13.00 -7.17 10.44
N GLN B 42 -12.26 -7.17 11.56
CA GLN B 42 -12.72 -7.73 12.83
C GLN B 42 -13.70 -6.77 13.50
ZN ZN C . 5.97 7.13 -3.71
ZN ZN D . -5.33 -6.12 5.31
N ASN B 1 -2.55 11.57 -11.75
CA ASN B 1 -3.26 11.44 -10.47
C ASN B 1 -3.40 9.96 -10.08
N VAL B 2 -2.76 9.56 -8.97
CA VAL B 2 -2.90 8.22 -8.39
C VAL B 2 -2.96 8.35 -6.87
N LYS B 3 -1.91 8.97 -6.39
CA LYS B 3 -1.48 9.21 -5.02
C LYS B 3 -0.89 7.90 -4.49
N CYS B 4 0.44 7.88 -4.41
CA CYS B 4 1.30 6.77 -4.06
C CYS B 4 0.85 6.11 -2.77
N PHE B 5 0.62 4.78 -2.78
CA PHE B 5 0.25 4.02 -1.60
C PHE B 5 1.48 3.71 -0.73
N ASN B 6 2.30 4.72 -0.45
CA ASN B 6 3.45 4.65 0.43
C ASN B 6 3.66 6.04 1.04
N CYS B 7 4.20 6.98 0.24
CA CYS B 7 4.43 8.35 0.64
C CYS B 7 3.16 9.21 0.50
N GLY B 8 2.41 9.06 -0.60
CA GLY B 8 1.13 9.75 -0.80
C GLY B 8 1.13 10.75 -1.96
N LYS B 9 2.27 10.99 -2.61
CA LYS B 9 2.36 11.95 -3.69
C LYS B 9 1.75 11.44 -4.96
N GLU B 10 1.30 12.41 -5.75
CA GLU B 10 0.67 12.16 -7.03
C GLU B 10 1.71 11.99 -8.12
N GLY B 11 1.27 11.45 -9.25
CA GLY B 11 2.10 11.27 -10.43
C GLY B 11 3.00 10.04 -10.35
N HIS B 12 2.98 9.26 -9.25
CA HIS B 12 3.75 8.02 -9.18
C HIS B 12 3.09 7.04 -8.23
N THR B 13 3.37 5.75 -8.43
CA THR B 13 2.84 4.66 -7.63
C THR B 13 3.90 4.16 -6.65
N ALA B 14 3.49 3.41 -5.63
CA ALA B 14 4.34 2.94 -4.54
C ALA B 14 5.59 2.17 -4.98
N ARG B 15 5.50 1.28 -5.98
CA ARG B 15 6.68 0.60 -6.50
C ARG B 15 7.57 1.49 -7.38
N ASN B 16 7.13 2.72 -7.69
CA ASN B 16 7.90 3.74 -8.42
C ASN B 16 8.62 4.66 -7.43
N CYS B 17 7.93 4.97 -6.33
CA CYS B 17 8.32 5.92 -5.29
C CYS B 17 9.75 5.76 -4.78
N ARG B 18 10.32 6.90 -4.38
CA ARG B 18 11.61 7.09 -3.76
C ARG B 18 11.73 6.27 -2.48
N ALA B 19 10.88 6.61 -1.51
CA ALA B 19 10.86 6.04 -0.17
C ALA B 19 10.61 4.52 -0.23
N PRO B 20 11.13 3.76 0.75
CA PRO B 20 10.93 2.32 0.80
C PRO B 20 9.49 2.03 1.20
N ARG B 21 9.00 0.85 0.81
CA ARG B 21 7.62 0.45 1.00
C ARG B 21 7.43 -0.24 2.35
N LYS B 22 6.15 -0.41 2.70
CA LYS B 22 5.66 -0.94 3.95
C LYS B 22 5.52 -2.46 3.86
N LYS B 23 5.19 -3.10 5.00
CA LYS B 23 4.93 -4.53 5.08
C LYS B 23 3.45 -4.82 4.90
N GLY B 24 3.12 -6.12 4.92
CA GLY B 24 1.77 -6.67 4.88
C GLY B 24 0.84 -5.94 3.91
N CYS B 25 -0.27 -5.45 4.46
CA CYS B 25 -1.31 -4.64 3.84
C CYS B 25 -0.97 -3.14 3.93
N TRP B 26 -1.71 -2.30 3.19
CA TRP B 26 -1.60 -0.83 3.23
C TRP B 26 -2.86 -0.23 3.85
N LYS B 27 -4.04 -0.84 3.63
CA LYS B 27 -5.29 -0.43 4.26
C LYS B 27 -5.14 -0.44 5.79
N CYS B 28 -5.07 -1.65 6.36
CA CYS B 28 -5.02 -1.89 7.78
C CYS B 28 -3.57 -2.10 8.25
N GLY B 29 -2.73 -2.77 7.45
CA GLY B 29 -1.31 -2.94 7.76
C GLY B 29 -0.91 -4.39 8.05
N LYS B 30 -1.88 -5.32 8.11
CA LYS B 30 -1.64 -6.69 8.49
C LYS B 30 -1.12 -7.49 7.30
N GLU B 31 -0.29 -8.48 7.60
CA GLU B 31 0.29 -9.39 6.64
C GLU B 31 -0.62 -10.61 6.44
N GLY B 32 -0.18 -11.53 5.58
CA GLY B 32 -0.94 -12.70 5.16
C GLY B 32 -1.69 -12.33 3.88
N HIS B 33 -2.44 -11.23 3.94
CA HIS B 33 -3.15 -10.64 2.80
C HIS B 33 -2.39 -9.40 2.31
N GLN B 34 -3.10 -8.55 1.55
CA GLN B 34 -2.62 -7.36 0.88
C GLN B 34 -3.86 -6.46 0.69
N MET B 35 -3.71 -5.14 0.48
CA MET B 35 -4.84 -4.21 0.42
C MET B 35 -5.96 -4.59 -0.57
N LYS B 36 -5.66 -5.42 -1.57
CA LYS B 36 -6.64 -5.87 -2.55
C LYS B 36 -7.51 -6.95 -1.89
N ASP B 37 -6.83 -7.84 -1.16
CA ASP B 37 -7.38 -8.99 -0.46
C ASP B 37 -7.97 -8.66 0.92
N CYS B 38 -7.52 -7.56 1.54
CA CYS B 38 -7.83 -7.14 2.89
C CYS B 38 -9.31 -7.22 3.29
N THR B 39 -9.49 -7.72 4.52
CA THR B 39 -10.75 -8.05 5.20
C THR B 39 -10.40 -8.52 6.63
N GLU B 40 -9.38 -7.90 7.23
CA GLU B 40 -8.74 -8.19 8.49
C GLU B 40 -9.61 -8.96 9.48
N ARG B 41 -10.56 -8.25 10.09
CA ARG B 41 -11.43 -8.73 11.15
C ARG B 41 -10.55 -9.25 12.29
N GLN B 42 -9.97 -8.29 13.03
CA GLN B 42 -8.99 -8.50 14.09
C GLN B 42 -7.83 -9.38 13.63
ZN ZN C . 5.64 7.91 -3.17
ZN ZN D . -5.54 -5.27 5.53
N ASN B 1 -4.42 9.37 -11.50
CA ASN B 1 -4.64 10.19 -10.29
C ASN B 1 -4.39 9.35 -9.04
N VAL B 2 -3.32 9.65 -8.31
CA VAL B 2 -2.88 8.89 -7.14
C VAL B 2 -1.99 9.73 -6.24
N LYS B 3 -1.82 9.20 -5.03
CA LYS B 3 -0.91 9.66 -4.01
C LYS B 3 -0.30 8.36 -3.47
N CYS B 4 0.92 8.12 -3.92
CA CYS B 4 1.74 6.94 -3.69
C CYS B 4 1.45 6.21 -2.38
N PHE B 5 1.08 4.93 -2.46
CA PHE B 5 0.77 4.09 -1.30
C PHE B 5 2.05 3.50 -0.71
N ASN B 6 3.04 4.38 -0.50
CA ASN B 6 4.32 4.10 0.13
C ASN B 6 4.80 5.40 0.77
N CYS B 7 5.33 6.33 -0.03
CA CYS B 7 5.84 7.61 0.43
C CYS B 7 4.72 8.65 0.60
N GLY B 8 3.73 8.69 -0.32
CA GLY B 8 2.57 9.57 -0.20
C GLY B 8 2.57 10.78 -1.15
N LYS B 9 3.59 10.95 -1.99
CA LYS B 9 3.62 12.00 -2.98
C LYS B 9 2.59 11.75 -4.06
N GLU B 10 2.21 12.85 -4.70
CA GLU B 10 1.21 12.89 -5.74
C GLU B 10 1.85 12.76 -7.12
N GLY B 11 1.11 12.16 -8.05
CA GLY B 11 1.53 11.98 -9.43
C GLY B 11 2.33 10.71 -9.68
N HIS B 12 2.43 9.79 -8.71
CA HIS B 12 3.08 8.50 -8.95
C HIS B 12 2.54 7.46 -7.99
N THR B 13 2.63 6.18 -8.38
CA THR B 13 2.17 5.04 -7.61
C THR B 13 3.34 4.37 -6.92
N ALA B 14 3.06 3.55 -5.89
CA ALA B 14 4.09 2.82 -5.16
C ALA B 14 4.95 1.94 -6.09
N ARG B 15 4.44 1.54 -7.26
CA ARG B 15 5.20 0.81 -8.26
C ARG B 15 6.28 1.69 -8.90
N ASN B 16 5.96 2.96 -9.14
CA ASN B 16 6.77 3.95 -9.81
C ASN B 16 7.69 4.68 -8.83
N CYS B 17 7.31 4.73 -7.54
CA CYS B 17 8.00 5.47 -6.49
C CYS B 17 9.48 5.11 -6.37
N ARG B 18 10.28 6.13 -6.03
CA ARG B 18 11.70 6.04 -5.77
C ARG B 18 11.99 5.13 -4.56
N ALA B 19 11.29 5.40 -3.45
CA ALA B 19 11.44 4.70 -2.19
C ALA B 19 10.97 3.25 -2.31
N PRO B 20 11.49 2.35 -1.46
CA PRO B 20 11.03 0.97 -1.39
C PRO B 20 9.70 0.92 -0.64
N ARG B 21 8.91 -0.10 -0.95
CA ARG B 21 7.56 -0.26 -0.44
C ARG B 21 7.58 -1.05 0.88
N LYS B 22 6.41 -1.15 1.50
CA LYS B 22 6.21 -1.75 2.81
C LYS B 22 5.94 -3.25 2.64
N LYS B 23 5.84 -3.95 3.76
CA LYS B 23 5.47 -5.35 3.84
C LYS B 23 3.98 -5.51 4.14
N GLY B 24 3.54 -6.76 4.04
CA GLY B 24 2.20 -7.20 4.37
C GLY B 24 1.11 -6.42 3.62
N CYS B 25 0.17 -5.88 4.40
CA CYS B 25 -1.00 -5.12 4.02
C CYS B 25 -0.74 -3.63 4.27
N TRP B 26 -1.24 -2.74 3.41
CA TRP B 26 -1.17 -1.29 3.57
C TRP B 26 -2.37 -0.79 4.38
N LYS B 27 -3.51 -1.47 4.26
CA LYS B 27 -4.76 -1.13 4.92
C LYS B 27 -4.60 -1.19 6.44
N CYS B 28 -4.35 -2.40 6.96
CA CYS B 28 -4.26 -2.70 8.36
C CYS B 28 -2.80 -2.83 8.81
N GLY B 29 -1.95 -3.57 8.09
CA GLY B 29 -0.53 -3.72 8.46
C GLY B 29 -0.13 -5.17 8.73
N LYS B 30 -1.05 -6.14 8.55
CA LYS B 30 -0.82 -7.53 8.75
C LYS B 30 -0.13 -8.13 7.54
N GLU B 31 0.47 -9.30 7.72
CA GLU B 31 1.20 -9.99 6.67
C GLU B 31 0.43 -11.22 6.20
N GLY B 32 0.88 -11.78 5.07
CA GLY B 32 0.25 -12.89 4.38
C GLY B 32 -0.62 -12.37 3.23
N HIS B 33 -1.50 -11.41 3.54
CA HIS B 33 -2.45 -10.85 2.59
C HIS B 33 -1.94 -9.53 1.96
N GLN B 34 -2.87 -8.62 1.62
CA GLN B 34 -2.64 -7.37 0.91
C GLN B 34 -3.88 -6.49 1.10
N MET B 35 -3.82 -5.17 0.83
CA MET B 35 -4.93 -4.24 1.07
C MET B 35 -6.25 -4.67 0.42
N LYS B 36 -6.20 -5.49 -0.64
CA LYS B 36 -7.34 -5.97 -1.39
C LYS B 36 -7.86 -7.24 -0.69
N ASP B 37 -6.92 -8.12 -0.35
CA ASP B 37 -7.13 -9.43 0.25
C ASP B 37 -7.52 -9.34 1.73
N CYS B 38 -7.21 -8.22 2.38
CA CYS B 38 -7.44 -7.95 3.79
C CYS B 38 -8.91 -8.14 4.13
N THR B 39 -9.13 -8.77 5.29
CA THR B 39 -10.43 -9.19 5.78
C THR B 39 -10.38 -9.44 7.30
N GLU B 40 -9.62 -8.61 8.03
CA GLU B 40 -9.50 -8.59 9.46
C GLU B 40 -10.85 -8.71 10.18
N ARG B 41 -11.89 -8.15 9.56
CA ARG B 41 -13.26 -8.17 9.88
C ARG B 41 -13.80 -9.60 9.74
N GLN B 42 -15.09 -9.61 9.46
CA GLN B 42 -15.94 -10.73 9.15
C GLN B 42 -17.02 -10.25 8.19
ZN ZN C . 6.23 7.42 -3.60
ZN ZN D . -5.00 -6.12 6.15
N ASN B 1 -4.72 9.74 -11.89
CA ASN B 1 -4.82 10.48 -10.62
C ASN B 1 -4.70 9.54 -9.43
N VAL B 2 -3.79 9.81 -8.48
CA VAL B 2 -3.51 8.93 -7.37
C VAL B 2 -2.75 9.62 -6.26
N LYS B 3 -2.71 8.92 -5.12
CA LYS B 3 -1.94 9.21 -3.93
C LYS B 3 -1.24 7.89 -3.66
N CYS B 4 0.09 7.91 -3.62
CA CYS B 4 0.93 6.74 -3.48
C CYS B 4 0.51 5.89 -2.27
N PHE B 5 0.51 4.56 -2.43
CA PHE B 5 0.14 3.61 -1.39
C PHE B 5 1.39 3.18 -0.61
N ASN B 6 2.30 4.13 -0.35
CA ASN B 6 3.52 3.93 0.41
C ASN B 6 3.85 5.22 1.16
N CYS B 7 4.35 6.23 0.44
CA CYS B 7 4.72 7.54 0.98
C CYS B 7 3.50 8.47 1.08
N GLY B 8 2.59 8.45 0.10
CA GLY B 8 1.34 9.22 0.13
C GLY B 8 1.30 10.42 -0.82
N LYS B 9 2.41 10.74 -1.52
CA LYS B 9 2.43 11.84 -2.47
C LYS B 9 1.56 11.57 -3.67
N GLU B 10 1.15 12.68 -4.28
CA GLU B 10 0.22 12.65 -5.40
C GLU B 10 0.97 12.57 -6.72
N GLY B 11 0.32 11.92 -7.69
CA GLY B 11 0.82 11.82 -9.05
C GLY B 11 1.72 10.61 -9.30
N HIS B 12 1.80 9.65 -8.36
CA HIS B 12 2.55 8.42 -8.61
C HIS B 12 2.01 7.31 -7.72
N THR B 13 2.20 6.06 -8.16
CA THR B 13 1.80 4.87 -7.43
C THR B 13 3.01 4.30 -6.70
N ALA B 14 2.74 3.45 -5.72
CA ALA B 14 3.73 2.84 -4.86
C ALA B 14 4.86 2.14 -5.64
N ARG B 15 4.59 1.66 -6.86
CA ARG B 15 5.60 1.07 -7.73
C ARG B 15 6.62 2.11 -8.19
N ASN B 16 6.13 3.28 -8.60
CA ASN B 16 6.88 4.36 -9.17
C ASN B 16 7.59 5.17 -8.08
N CYS B 17 7.04 5.14 -6.87
CA CYS B 17 7.57 5.82 -5.71
C CYS B 17 9.04 5.45 -5.43
N ARG B 18 9.80 6.46 -5.00
CA ARG B 18 11.22 6.38 -4.66
C ARG B 18 11.46 5.51 -3.43
N ALA B 19 10.66 5.74 -2.38
CA ALA B 19 10.80 5.09 -1.09
C ALA B 19 10.51 3.58 -1.21
N PRO B 20 11.13 2.74 -0.35
CA PRO B 20 10.90 1.31 -0.34
C PRO B 20 9.50 1.03 0.21
N ARG B 21 8.95 -0.13 -0.15
CA ARG B 21 7.59 -0.49 0.18
C ARG B 21 7.56 -1.21 1.54
N LYS B 22 6.34 -1.41 2.06
CA LYS B 22 6.06 -1.94 3.38
C LYS B 22 5.95 -3.46 3.35
N LYS B 23 5.68 -4.07 4.51
CA LYS B 23 5.44 -5.50 4.66
C LYS B 23 3.96 -5.80 4.51
N GLY B 24 3.64 -7.11 4.53
CA GLY B 24 2.30 -7.68 4.50
C GLY B 24 1.32 -6.90 3.62
N CYS B 25 0.14 -6.62 4.17
CA CYS B 25 -0.90 -5.79 3.59
C CYS B 25 -0.63 -4.31 3.87
N TRP B 26 -1.30 -3.42 3.12
CA TRP B 26 -1.28 -1.97 3.29
C TRP B 26 -2.58 -1.52 3.97
N LYS B 27 -3.72 -2.05 3.51
CA LYS B 27 -5.04 -1.74 4.06
C LYS B 27 -5.06 -1.88 5.59
N CYS B 28 -4.87 -3.11 6.07
CA CYS B 28 -4.94 -3.48 7.45
C CYS B 28 -3.53 -3.65 8.05
N GLY B 29 -2.62 -4.35 7.34
CA GLY B 29 -1.23 -4.48 7.75
C GLY B 29 -0.78 -5.94 7.94
N LYS B 30 -1.67 -6.92 7.73
CA LYS B 30 -1.42 -8.32 7.99
C LYS B 30 -0.82 -9.00 6.77
N GLU B 31 0.13 -9.90 7.01
CA GLU B 31 0.83 -10.63 5.97
C GLU B 31 0.00 -11.83 5.48
N GLY B 32 0.53 -12.52 4.47
CA GLY B 32 -0.13 -13.61 3.78
C GLY B 32 -0.83 -13.08 2.54
N HIS B 33 -1.37 -11.86 2.61
CA HIS B 33 -2.13 -11.21 1.56
C HIS B 33 -1.66 -9.76 1.35
N GLN B 34 -2.09 -9.16 0.23
CA GLN B 34 -1.89 -7.76 -0.13
C GLN B 34 -3.25 -7.04 -0.08
N MET B 35 -3.28 -5.71 -0.21
CA MET B 35 -4.47 -4.89 -0.04
C MET B 35 -5.68 -5.26 -0.92
N LYS B 36 -5.47 -5.97 -2.03
CA LYS B 36 -6.55 -6.36 -2.93
C LYS B 36 -7.14 -7.66 -2.42
N ASP B 37 -6.25 -8.59 -2.03
CA ASP B 37 -6.57 -9.87 -1.43
C ASP B 37 -7.17 -9.70 -0.03
N CYS B 38 -6.80 -8.63 0.67
CA CYS B 38 -7.26 -8.32 2.02
C CYS B 38 -8.78 -8.27 2.10
N THR B 39 -9.29 -8.81 3.19
CA THR B 39 -10.70 -8.79 3.57
C THR B 39 -10.84 -8.85 5.09
N GLU B 40 -9.82 -8.38 5.82
CA GLU B 40 -9.72 -8.45 7.24
C GLU B 40 -10.30 -7.16 7.86
N ARG B 41 -9.48 -6.42 8.60
CA ARG B 41 -9.74 -5.24 9.39
C ARG B 41 -8.62 -5.22 10.43
N GLN B 42 -8.03 -4.04 10.63
CA GLN B 42 -7.02 -3.73 11.64
C GLN B 42 -5.97 -4.82 11.80
ZN ZN C . 5.35 7.46 -3.00
ZN ZN D . -5.15 -6.69 4.89
N ASN B 1 -4.93 11.44 -11.91
CA ASN B 1 -4.08 11.77 -10.76
C ASN B 1 -4.18 10.66 -9.71
N VAL B 2 -3.11 10.45 -8.93
CA VAL B 2 -3.02 9.43 -7.89
C VAL B 2 -2.16 9.93 -6.75
N LYS B 3 -2.18 9.18 -5.65
CA LYS B 3 -1.32 9.38 -4.49
C LYS B 3 -0.61 8.05 -4.31
N CYS B 4 0.66 8.10 -3.93
CA CYS B 4 1.44 6.92 -3.70
C CYS B 4 0.95 6.16 -2.48
N PHE B 5 1.11 4.83 -2.50
CA PHE B 5 0.65 3.94 -1.44
C PHE B 5 1.85 3.49 -0.62
N ASN B 6 2.80 4.41 -0.41
CA ASN B 6 4.04 4.16 0.29
C ASN B 6 4.49 5.45 0.99
N CYS B 7 5.11 6.37 0.24
CA CYS B 7 5.52 7.68 0.71
C CYS B 7 4.30 8.62 0.82
N GLY B 8 3.31 8.45 -0.08
CA GLY B 8 2.06 9.21 -0.01
C GLY B 8 2.07 10.57 -0.69
N LYS B 9 3.05 10.86 -1.55
CA LYS B 9 3.05 12.09 -2.34
C LYS B 9 1.95 11.93 -3.39
N GLU B 10 1.69 13.02 -4.12
CA GLU B 10 0.77 13.01 -5.24
C GLU B 10 1.52 12.98 -6.56
N GLY B 11 0.89 12.37 -7.57
CA GLY B 11 1.37 12.27 -8.92
C GLY B 11 2.18 11.01 -9.22
N HIS B 12 2.07 9.93 -8.42
CA HIS B 12 2.73 8.67 -8.74
C HIS B 12 2.21 7.55 -7.83
N THR B 13 2.35 6.30 -8.29
CA THR B 13 1.93 5.09 -7.61
C THR B 13 3.14 4.47 -6.91
N ALA B 14 2.90 3.57 -5.96
CA ALA B 14 3.94 2.96 -5.14
C ALA B 14 4.98 2.20 -5.97
N ARG B 15 4.61 1.64 -7.13
CA ARG B 15 5.56 1.00 -8.03
C ARG B 15 6.57 1.98 -8.59
N ASN B 16 6.13 3.22 -8.86
CA ASN B 16 6.90 4.27 -9.46
C ASN B 16 7.73 4.97 -8.39
N CYS B 17 7.26 4.97 -7.14
CA CYS B 17 7.88 5.66 -6.03
C CYS B 17 9.31 5.16 -5.75
N ARG B 18 10.14 6.08 -5.26
CA ARG B 18 11.56 5.90 -4.98
C ARG B 18 11.78 4.97 -3.79
N ALA B 19 11.16 5.32 -2.66
CA ALA B 19 11.29 4.66 -1.38
C ALA B 19 10.92 3.16 -1.44
N PRO B 20 11.57 2.31 -0.61
CA PRO B 20 11.25 0.89 -0.49
C PRO B 20 9.79 0.69 -0.08
N ARG B 21 9.17 -0.42 -0.51
CA ARG B 21 7.75 -0.68 -0.30
C ARG B 21 7.52 -1.44 1.02
N LYS B 22 6.26 -1.46 1.44
CA LYS B 22 5.78 -2.00 2.70
C LYS B 22 5.41 -3.48 2.66
N LYS B 23 5.17 -4.03 3.86
CA LYS B 23 4.70 -5.37 4.15
C LYS B 23 3.18 -5.40 4.32
N GLY B 24 2.66 -6.62 4.39
CA GLY B 24 1.25 -6.95 4.55
C GLY B 24 0.35 -6.14 3.61
N CYS B 25 -0.75 -5.61 4.16
CA CYS B 25 -1.71 -4.72 3.53
C CYS B 25 -1.23 -3.27 3.62
N TRP B 26 -1.82 -2.37 2.84
CA TRP B 26 -1.55 -0.94 2.88
C TRP B 26 -2.66 -0.23 3.66
N LYS B 27 -3.92 -0.62 3.43
CA LYS B 27 -5.07 0.03 4.03
C LYS B 27 -5.02 -0.02 5.55
N CYS B 28 -4.95 -1.24 6.09
CA CYS B 28 -4.93 -1.51 7.51
C CYS B 28 -3.52 -1.87 7.99
N GLY B 29 -2.82 -2.74 7.25
CA GLY B 29 -1.44 -3.09 7.55
C GLY B 29 -1.22 -4.56 7.91
N LYS B 30 -2.27 -5.38 7.89
CA LYS B 30 -2.20 -6.76 8.28
C LYS B 30 -1.76 -7.58 7.08
N GLU B 31 -1.10 -8.70 7.32
CA GLU B 31 -0.52 -9.53 6.29
C GLU B 31 -1.45 -10.70 5.95
N GLY B 32 -1.03 -11.53 4.99
CA GLY B 32 -1.82 -12.62 4.44
C GLY B 32 -2.61 -12.08 3.26
N HIS B 33 -3.37 -11.01 3.48
CA HIS B 33 -4.15 -10.32 2.45
C HIS B 33 -3.39 -9.11 1.90
N GLN B 34 -4.10 -8.26 1.16
CA GLN B 34 -3.63 -7.10 0.42
C GLN B 34 -4.81 -6.12 0.34
N MET B 35 -4.58 -4.82 0.08
CA MET B 35 -5.61 -3.78 0.09
C MET B 35 -6.88 -4.10 -0.73
N LYS B 36 -6.78 -4.98 -1.73
CA LYS B 36 -7.91 -5.47 -2.53
C LYS B 36 -8.70 -6.46 -1.69
N ASP B 37 -7.97 -7.45 -1.17
CA ASP B 37 -8.48 -8.60 -0.41
C ASP B 37 -8.84 -8.24 1.03
N CYS B 38 -8.44 -7.05 1.49
CA CYS B 38 -8.59 -6.59 2.85
C CYS B 38 -10.02 -6.56 3.39
N THR B 39 -10.11 -7.02 4.64
CA THR B 39 -11.28 -7.25 5.48
C THR B 39 -10.76 -7.75 6.85
N GLU B 40 -9.62 -7.20 7.26
CA GLU B 40 -8.78 -7.50 8.41
C GLU B 40 -9.38 -8.51 9.38
N ARG B 41 -10.28 -8.02 10.22
CA ARG B 41 -10.91 -8.77 11.31
C ARG B 41 -9.84 -9.57 12.07
N GLN B 42 -8.94 -8.83 12.77
CA GLN B 42 -7.76 -9.34 13.47
C GLN B 42 -6.73 -9.76 12.42
ZN ZN C . 5.87 7.63 -3.27
ZN ZN D . -5.98 -4.86 5.28
N ASN B 1 -5.31 9.78 -11.07
CA ASN B 1 -5.23 10.59 -9.83
C ASN B 1 -4.92 9.70 -8.63
N VAL B 2 -3.87 10.00 -7.87
CA VAL B 2 -3.43 9.16 -6.76
C VAL B 2 -2.44 9.86 -5.84
N LYS B 3 -2.22 9.19 -4.70
CA LYS B 3 -1.24 9.51 -3.67
C LYS B 3 -0.67 8.16 -3.20
N CYS B 4 0.56 7.87 -3.63
CA CYS B 4 1.31 6.64 -3.46
C CYS B 4 1.09 5.91 -2.12
N PHE B 5 0.70 4.62 -2.12
CA PHE B 5 0.58 3.83 -0.90
C PHE B 5 1.97 3.34 -0.44
N ASN B 6 2.93 4.25 -0.34
CA ASN B 6 4.27 3.98 0.15
C ASN B 6 4.86 5.27 0.71
N CYS B 7 5.43 6.11 -0.15
CA CYS B 7 5.95 7.42 0.22
C CYS B 7 4.80 8.45 0.32
N GLY B 8 3.72 8.29 -0.47
CA GLY B 8 2.57 9.18 -0.33
C GLY B 8 2.66 10.43 -1.17
N LYS B 9 3.47 10.46 -2.23
CA LYS B 9 3.52 11.58 -3.14
C LYS B 9 2.41 11.42 -4.15
N GLU B 10 2.06 12.56 -4.74
CA GLU B 10 0.97 12.66 -5.69
C GLU B 10 1.46 12.43 -7.11
N GLY B 11 0.55 11.90 -7.95
CA GLY B 11 0.81 11.65 -9.35
C GLY B 11 1.55 10.34 -9.59
N HIS B 12 1.65 9.45 -8.59
CA HIS B 12 2.25 8.13 -8.79
C HIS B 12 1.74 7.11 -7.79
N THR B 13 1.80 5.83 -8.19
CA THR B 13 1.40 4.69 -7.38
C THR B 13 2.66 4.04 -6.79
N ALA B 14 2.49 3.29 -5.70
CA ALA B 14 3.57 2.62 -4.99
C ALA B 14 4.42 1.73 -5.91
N ARG B 15 3.85 1.20 -7.02
CA ARG B 15 4.62 0.44 -8.00
C ARG B 15 5.67 1.33 -8.67
N ASN B 16 5.25 2.57 -8.97
CA ASN B 16 6.03 3.56 -9.71
C ASN B 16 7.07 4.18 -8.80
N CYS B 17 6.73 4.30 -7.51
CA CYS B 17 7.50 4.95 -6.48
C CYS B 17 8.97 4.50 -6.43
N ARG B 18 9.85 5.45 -6.15
CA ARG B 18 11.28 5.30 -5.94
C ARG B 18 11.55 4.30 -4.81
N ALA B 19 11.00 4.64 -3.64
CA ALA B 19 11.18 3.95 -2.38
C ALA B 19 10.71 2.50 -2.43
N PRO B 20 11.28 1.63 -1.58
CA PRO B 20 10.84 0.26 -1.45
C PRO B 20 9.50 0.26 -0.72
N ARG B 21 8.72 -0.80 -0.93
CA ARG B 21 7.37 -0.91 -0.41
C ARG B 21 7.37 -1.54 0.99
N LYS B 22 6.18 -1.57 1.61
CA LYS B 22 5.96 -2.02 2.96
C LYS B 22 5.68 -3.52 2.98
N LYS B 23 5.51 -4.09 4.18
CA LYS B 23 5.18 -5.49 4.39
C LYS B 23 3.67 -5.70 4.51
N GLY B 24 3.30 -6.99 4.50
CA GLY B 24 1.93 -7.52 4.61
C GLY B 24 0.91 -6.68 3.85
N CYS B 25 -0.24 -6.45 4.48
CA CYS B 25 -1.32 -5.59 3.99
C CYS B 25 -1.02 -4.13 4.34
N TRP B 26 -1.49 -3.19 3.50
CA TRP B 26 -1.40 -1.75 3.73
C TRP B 26 -2.61 -1.31 4.56
N LYS B 27 -3.78 -1.89 4.27
CA LYS B 27 -5.04 -1.51 4.89
C LYS B 27 -5.05 -1.76 6.39
N CYS B 28 -4.92 -3.03 6.78
CA CYS B 28 -4.99 -3.49 8.14
C CYS B 28 -3.59 -3.73 8.71
N GLY B 29 -2.70 -4.39 7.95
CA GLY B 29 -1.32 -4.61 8.36
C GLY B 29 -0.90 -6.08 8.34
N LYS B 30 -1.83 -7.02 8.13
CA LYS B 30 -1.57 -8.44 8.20
C LYS B 30 -1.00 -8.95 6.91
N GLU B 31 -0.08 -9.91 7.04
CA GLU B 31 0.61 -10.52 5.92
C GLU B 31 -0.12 -11.78 5.45
N GLY B 32 0.37 -12.37 4.37
CA GLY B 32 -0.26 -13.50 3.71
C GLY B 32 -1.11 -12.96 2.55
N HIS B 33 -1.96 -11.98 2.85
CA HIS B 33 -2.77 -11.25 1.89
C HIS B 33 -2.23 -9.84 1.66
N GLN B 34 -2.97 -9.05 0.86
CA GLN B 34 -2.72 -7.65 0.59
C GLN B 34 -4.07 -6.91 0.53
N MET B 35 -4.06 -5.58 0.36
CA MET B 35 -5.24 -4.72 0.42
C MET B 35 -6.45 -5.14 -0.44
N LYS B 36 -6.22 -5.84 -1.56
CA LYS B 36 -7.30 -6.27 -2.45
C LYS B 36 -7.99 -7.45 -1.78
N ASP B 37 -7.17 -8.41 -1.37
CA ASP B 37 -7.54 -9.69 -0.79
C ASP B 37 -8.05 -9.56 0.64
N CYS B 38 -7.60 -8.52 1.35
CA CYS B 38 -7.88 -8.28 2.75
C CYS B 38 -9.36 -8.40 3.07
N THR B 39 -9.63 -9.10 4.17
CA THR B 39 -10.97 -9.33 4.70
C THR B 39 -10.98 -9.30 6.24
N GLU B 40 -9.94 -8.69 6.83
CA GLU B 40 -9.81 -8.45 8.25
C GLU B 40 -10.79 -7.36 8.67
N ARG B 41 -10.90 -6.34 7.83
CA ARG B 41 -11.73 -5.17 7.96
C ARG B 41 -11.78 -4.52 6.58
N GLN B 42 -12.73 -5.00 5.75
CA GLN B 42 -12.90 -4.62 4.36
C GLN B 42 -13.07 -3.11 4.19
ZN ZN C . 5.93 7.06 -3.69
ZN ZN D . -5.50 -6.65 5.44
N ASN B 1 -5.68 8.80 -11.29
CA ASN B 1 -5.61 9.72 -10.14
C ASN B 1 -5.16 8.97 -8.89
N VAL B 2 -3.94 9.21 -8.42
CA VAL B 2 -3.37 8.50 -7.29
C VAL B 2 -2.50 9.39 -6.41
N LYS B 3 -2.29 8.88 -5.20
CA LYS B 3 -1.40 9.39 -4.17
C LYS B 3 -0.73 8.17 -3.54
N CYS B 4 0.45 7.87 -4.06
CA CYS B 4 1.36 6.78 -3.70
C CYS B 4 1.14 6.22 -2.30
N PHE B 5 0.72 4.95 -2.15
CA PHE B 5 0.59 4.33 -0.83
C PHE B 5 1.97 3.90 -0.29
N ASN B 6 2.91 4.85 -0.21
CA ASN B 6 4.22 4.67 0.39
C ASN B 6 4.71 6.02 0.93
N CYS B 7 5.11 6.92 0.03
CA CYS B 7 5.54 8.27 0.32
C CYS B 7 4.32 9.23 0.36
N GLY B 8 3.27 8.97 -0.43
CA GLY B 8 2.04 9.76 -0.36
C GLY B 8 1.97 10.92 -1.34
N LYS B 9 2.97 11.12 -2.19
CA LYS B 9 2.93 12.12 -3.22
C LYS B 9 1.94 11.74 -4.30
N GLU B 10 1.51 12.76 -5.02
CA GLU B 10 0.48 12.66 -6.04
C GLU B 10 1.10 12.48 -7.42
N GLY B 11 0.33 11.84 -8.30
CA GLY B 11 0.70 11.61 -9.68
C GLY B 11 1.58 10.36 -9.87
N HIS B 12 1.73 9.50 -8.84
CA HIS B 12 2.45 8.24 -9.00
C HIS B 12 2.00 7.21 -7.98
N THR B 13 2.09 5.93 -8.34
CA THR B 13 1.71 4.79 -7.51
C THR B 13 2.95 4.31 -6.77
N ALA B 14 2.74 3.61 -5.65
CA ALA B 14 3.79 3.08 -4.81
C ALA B 14 4.81 2.22 -5.58
N ARG B 15 4.38 1.57 -6.68
CA ARG B 15 5.27 0.82 -7.56
C ARG B 15 6.28 1.72 -8.27
N ASN B 16 5.81 2.89 -8.71
CA ASN B 16 6.57 3.87 -9.47
C ASN B 16 7.55 4.58 -8.55
N CYS B 17 7.09 4.83 -7.32
CA CYS B 17 7.80 5.58 -6.30
C CYS B 17 9.21 5.06 -6.05
N ARG B 18 10.13 6.01 -5.83
CA ARG B 18 11.54 5.79 -5.54
C ARG B 18 11.76 5.08 -4.22
N ALA B 19 11.05 5.52 -3.18
CA ALA B 19 11.21 5.03 -1.81
C ALA B 19 10.83 3.54 -1.70
N PRO B 20 11.44 2.80 -0.76
CA PRO B 20 11.13 1.40 -0.53
C PRO B 20 9.78 1.28 0.16
N ARG B 21 9.04 0.24 -0.19
CA ARG B 21 7.68 0.01 0.26
C ARG B 21 7.60 -1.10 1.31
N LYS B 22 6.40 -1.30 1.86
CA LYS B 22 6.11 -2.20 2.96
C LYS B 22 5.75 -3.60 2.44
N LYS B 23 5.68 -4.57 3.36
CA LYS B 23 5.26 -5.94 3.12
C LYS B 23 3.98 -6.26 3.89
N GLY B 24 3.42 -7.44 3.63
CA GLY B 24 2.15 -7.89 4.18
C GLY B 24 1.00 -7.01 3.67
N CYS B 25 0.06 -6.67 4.56
CA CYS B 25 -1.06 -5.78 4.35
C CYS B 25 -0.73 -4.34 4.77
N TRP B 26 -1.45 -3.36 4.20
CA TRP B 26 -1.35 -1.94 4.52
C TRP B 26 -2.52 -1.55 5.42
N LYS B 27 -3.72 -2.12 5.19
CA LYS B 27 -4.90 -1.86 6.00
C LYS B 27 -4.65 -2.19 7.46
N CYS B 28 -4.62 -3.50 7.74
CA CYS B 28 -4.51 -4.05 9.06
C CYS B 28 -3.04 -4.27 9.43
N GLY B 29 -2.20 -4.69 8.46
CA GLY B 29 -0.77 -4.81 8.68
C GLY B 29 -0.29 -6.25 8.73
N LYS B 30 -1.18 -7.24 8.57
CA LYS B 30 -0.87 -8.62 8.70
C LYS B 30 -0.32 -9.17 7.38
N GLU B 31 0.50 -10.20 7.47
CA GLU B 31 1.16 -10.83 6.35
C GLU B 31 0.35 -12.04 5.89
N GLY B 32 0.80 -12.68 4.80
CA GLY B 32 0.10 -13.78 4.16
C GLY B 32 -0.79 -13.23 3.06
N HIS B 33 -1.48 -12.12 3.34
CA HIS B 33 -2.33 -11.40 2.40
C HIS B 33 -1.80 -9.99 2.12
N GLN B 34 -2.67 -9.15 1.57
CA GLN B 34 -2.44 -7.79 1.11
C GLN B 34 -3.79 -7.06 1.18
N MET B 35 -3.82 -5.72 1.23
CA MET B 35 -5.05 -4.92 1.41
C MET B 35 -6.22 -5.31 0.50
N LYS B 36 -5.93 -5.91 -0.65
CA LYS B 36 -6.91 -6.31 -1.66
C LYS B 36 -7.50 -7.65 -1.24
N ASP B 37 -6.61 -8.56 -0.81
CA ASP B 37 -6.92 -9.89 -0.30
C ASP B 37 -7.44 -9.88 1.14
N CYS B 38 -7.16 -8.80 1.90
CA CYS B 38 -7.48 -8.64 3.31
C CYS B 38 -8.95 -8.89 3.58
N THR B 39 -9.21 -9.68 4.63
CA THR B 39 -10.53 -10.11 5.05
C THR B 39 -10.83 -9.70 6.50
N GLU B 40 -9.91 -8.94 7.10
CA GLU B 40 -10.03 -8.35 8.41
C GLU B 40 -11.03 -7.19 8.32
N ARG B 41 -11.04 -6.51 7.17
CA ARG B 41 -11.87 -5.41 6.80
C ARG B 41 -11.68 -5.17 5.30
N GLN B 42 -12.36 -6.00 4.50
CA GLN B 42 -12.29 -6.03 3.04
C GLN B 42 -12.73 -4.71 2.42
ZN ZN C . 5.84 7.76 -3.67
ZN ZN D . -5.13 -6.99 6.11
#